data_8F4A
#
_entry.id   8F4A
#
_cell.length_a   174.685
_cell.length_b   174.685
_cell.length_c   124.968
_cell.angle_alpha   90.00
_cell.angle_beta   90.00
_cell.angle_gamma   120.00
#
_symmetry.space_group_name_H-M   'H 3 2'
#
loop_
_entity.id
_entity.type
_entity.pdbx_description
1 polymer 'N-acetyltransferase Eis'
2 non-polymer GLYCEROL
3 non-polymer 1-[6-[azanylidene-[[azanylidene-[[(4-chlorophenyl)amino]methyl]-$l^{4}-azanyl]methyl]-$l^{4}-azanyl]hexyl]-3-[~{N}-(4-chlorophenyl)carbamimidoyl]guanidine
4 water water
#
_entity_poly.entity_id   1
_entity_poly.type   'polypeptide(L)'
_entity_poly.pdbx_seq_one_letter_code
;MGSSHHHHHHSSGLVPRGSHMTVTLCSPTEDDWPGMFLLAAASFTDFIGPESATAWRTLVPTDGAVVVRDGAGPGSEVVG
MALYMDLRLTVPGEVVLPTAGLSFVAVAPTHRRRGLLRAMCAELHRRIADSGYPVAALHASEGGIYGRFGYGPATTLHEL
TVDRRFARFHADAPGGGLGGSSVRLVRPTEHRGEFEAIYERWRQQVPGGLLRPQVLWDELLAEAKAAPGGDRESFALLHP
DGYALYRVDRTDLKLARVSELRAVTADAHCALWRALIGLDSMERISIITHPQDPLPHLLTDTRLARTTWRQDGLWLRIMN
VPAALEARGYAHEVGEFSTVLEVSDGGRFALKIGDGRARCTPTDAAAEIEMDRDVLGSLYLGAHRASTLAAANRLRTKDS
QLLRRLDAAFASDVPVQTAFEF
;
_entity_poly.pdbx_strand_id   A
#
# COMPACT_ATOMS: atom_id res chain seq x y z
N VAL A 23 -3.45 31.27 13.07
CA VAL A 23 -3.17 29.81 13.20
C VAL A 23 -1.66 29.60 13.34
N THR A 24 -1.24 28.61 14.13
CA THR A 24 0.20 28.30 14.39
C THR A 24 0.47 26.82 14.13
N LEU A 25 1.46 26.50 13.29
CA LEU A 25 1.88 25.11 13.01
C LEU A 25 3.07 24.76 13.91
N CYS A 26 2.90 23.83 14.85
CA CYS A 26 3.95 23.41 15.82
C CYS A 26 3.83 21.91 16.10
N SER A 27 4.89 21.29 16.60
CA SER A 27 4.85 19.88 17.08
C SER A 27 3.86 19.80 18.25
N PRO A 28 3.00 18.77 18.32
CA PRO A 28 1.98 18.68 19.37
C PRO A 28 2.59 18.43 20.75
N THR A 29 2.07 19.07 21.80
CA THR A 29 2.44 18.80 23.22
C THR A 29 1.53 17.68 23.72
N GLU A 30 1.83 17.11 24.90
CA GLU A 30 0.98 16.06 25.49
C GLU A 30 -0.43 16.63 25.69
N ASP A 31 -0.52 17.92 26.01
CA ASP A 31 -1.82 18.63 26.24
C ASP A 31 -2.56 18.81 24.91
N ASP A 32 -1.87 18.83 23.78
CA ASP A 32 -2.50 19.00 22.44
C ASP A 32 -3.19 17.71 21.99
N TRP A 33 -2.88 16.57 22.62
CA TRP A 33 -3.37 15.25 22.16
C TRP A 33 -4.88 15.15 22.30
N PRO A 34 -5.50 15.45 23.46
CA PRO A 34 -6.97 15.43 23.52
C PRO A 34 -7.66 16.19 22.36
N GLY A 35 -7.20 17.40 22.01
CA GLY A 35 -7.72 18.16 20.83
C GLY A 35 -7.57 17.39 19.53
N MET A 36 -6.47 16.64 19.38
CA MET A 36 -6.16 15.83 18.17
C MET A 36 -7.16 14.66 18.11
N PHE A 37 -7.36 13.99 19.25
CA PHE A 37 -8.30 12.85 19.41
C PHE A 37 -9.72 13.30 19.03
N LEU A 38 -10.08 14.55 19.35
CA LEU A 38 -11.43 15.10 19.04
C LEU A 38 -11.57 15.34 17.53
N LEU A 39 -10.63 16.06 16.92
CA LEU A 39 -10.58 16.27 15.44
C LEU A 39 -10.62 14.92 14.73
N ALA A 40 -9.88 13.92 15.24
CA ALA A 40 -9.81 12.55 14.69
C ALA A 40 -11.21 11.92 14.67
N ALA A 41 -11.85 11.82 15.84
CA ALA A 41 -13.22 11.26 16.01
C ALA A 41 -14.18 11.95 15.02
N ALA A 42 -14.04 13.26 14.78
CA ALA A 42 -14.93 14.03 13.89
C ALA A 42 -14.53 13.85 12.42
N SER A 43 -13.29 13.46 12.14
CA SER A 43 -12.75 13.45 10.75
C SER A 43 -12.80 12.05 10.14
N PHE A 44 -12.61 11.01 10.96
CA PHE A 44 -12.47 9.60 10.51
C PHE A 44 -13.53 8.75 11.19
N THR A 45 -14.25 7.95 10.40
CA THR A 45 -15.30 7.03 10.90
C THR A 45 -14.64 5.81 11.56
N ASP A 46 -13.32 5.59 11.38
CA ASP A 46 -12.57 4.44 11.95
C ASP A 46 -11.94 4.77 13.31
N PHE A 47 -11.94 6.05 13.76
CA PHE A 47 -11.35 6.47 15.07
C PHE A 47 -12.49 6.57 16.10
N ILE A 48 -12.49 5.68 17.11
CA ILE A 48 -13.54 5.58 18.16
C ILE A 48 -13.16 6.47 19.36
N GLY A 49 -11.87 6.55 19.73
CA GLY A 49 -11.38 7.33 20.90
C GLY A 49 -9.89 7.13 21.18
N PRO A 50 -9.33 7.77 22.25
CA PRO A 50 -7.90 7.73 22.53
C PRO A 50 -7.22 6.36 22.43
N GLU A 51 -7.89 5.33 22.95
CA GLU A 51 -7.39 3.93 22.91
C GLU A 51 -7.17 3.50 21.46
N SER A 52 -7.88 4.10 20.48
CA SER A 52 -7.72 3.87 19.01
C SER A 52 -6.31 4.26 18.54
N ALA A 53 -5.65 5.20 19.24
CA ALA A 53 -4.35 5.80 18.84
C ALA A 53 -3.16 5.10 19.51
N THR A 54 -3.35 4.52 20.72
CA THR A 54 -2.26 3.97 21.59
C THR A 54 -1.22 3.23 20.74
N ALA A 55 -1.68 2.31 19.88
CA ALA A 55 -0.81 1.35 19.15
C ALA A 55 -0.11 2.05 17.98
N TRP A 56 -0.85 2.85 17.20
CA TRP A 56 -0.28 3.54 16.02
C TRP A 56 0.73 4.58 16.50
N ARG A 57 0.48 5.17 17.68
CA ARG A 57 1.30 6.24 18.27
C ARG A 57 2.71 5.71 18.61
N THR A 58 2.85 4.44 18.99
CA THR A 58 4.18 3.84 19.29
C THR A 58 5.06 3.89 18.03
N LEU A 59 4.46 4.04 16.83
CA LEU A 59 5.21 4.07 15.53
C LEU A 59 5.54 5.50 15.10
N VAL A 60 5.09 6.50 15.86
CA VAL A 60 5.38 7.93 15.56
C VAL A 60 6.66 8.35 16.27
N PRO A 61 7.70 8.75 15.52
CA PRO A 61 8.93 9.25 16.14
C PRO A 61 8.72 10.63 16.78
N THR A 62 9.54 10.93 17.78
CA THR A 62 9.76 12.30 18.32
C THR A 62 9.82 13.22 17.09
N ASP A 63 9.02 14.28 17.07
CA ASP A 63 9.03 15.29 15.96
C ASP A 63 8.36 14.71 14.70
N GLY A 64 7.62 13.61 14.82
CA GLY A 64 6.86 12.99 13.71
C GLY A 64 5.50 13.63 13.46
N ALA A 65 5.08 14.59 14.28
CA ALA A 65 3.71 15.12 14.27
C ALA A 65 3.73 16.65 14.22
N VAL A 66 2.76 17.21 13.50
CA VAL A 66 2.45 18.67 13.52
C VAL A 66 0.96 18.86 13.82
N VAL A 67 0.65 19.97 14.48
CA VAL A 67 -0.73 20.45 14.76
C VAL A 67 -0.79 21.92 14.33
N VAL A 68 -1.95 22.37 13.85
CA VAL A 68 -2.25 23.82 13.67
C VAL A 68 -3.22 24.21 14.78
N ARG A 69 -2.85 25.20 15.62
CA ARG A 69 -3.71 25.73 16.71
C ARG A 69 -4.36 27.04 16.22
N ASP A 70 -5.53 27.37 16.76
CA ASP A 70 -6.23 28.65 16.55
C ASP A 70 -6.19 29.46 17.86
N SER A 76 -7.34 28.40 22.35
CA SER A 76 -6.59 27.77 21.24
C SER A 76 -6.87 26.26 21.20
N GLU A 77 -7.56 25.81 20.16
CA GLU A 77 -7.89 24.38 19.92
C GLU A 77 -7.19 23.90 18.66
N VAL A 78 -7.07 22.59 18.51
CA VAL A 78 -6.44 21.92 17.32
C VAL A 78 -7.42 22.03 16.14
N VAL A 79 -7.01 22.64 15.03
CA VAL A 79 -7.84 22.81 13.80
C VAL A 79 -7.18 22.09 12.61
N GLY A 80 -6.05 21.46 12.83
CA GLY A 80 -5.30 20.73 11.79
C GLY A 80 -4.21 19.89 12.42
N MET A 81 -4.01 18.69 11.88
CA MET A 81 -2.97 17.77 12.36
C MET A 81 -2.55 16.85 11.21
N ALA A 82 -1.35 16.31 11.34
CA ALA A 82 -0.71 15.38 10.39
C ALA A 82 0.52 14.81 11.09
N LEU A 83 0.87 13.58 10.77
CA LEU A 83 2.07 12.94 11.34
C LEU A 83 2.56 11.91 10.36
N TYR A 84 3.75 11.37 10.60
CA TYR A 84 4.26 10.22 9.84
C TYR A 84 4.67 9.16 10.85
N MET A 85 4.63 7.92 10.40
CA MET A 85 5.04 6.76 11.20
C MET A 85 6.26 6.13 10.52
N ASP A 86 7.13 5.56 11.34
CA ASP A 86 8.34 4.83 10.86
C ASP A 86 7.88 3.47 10.34
N LEU A 87 7.95 3.28 9.02
CA LEU A 87 7.55 2.01 8.36
C LEU A 87 8.73 1.43 7.57
N ARG A 88 8.57 0.17 7.16
CA ARG A 88 9.53 -0.57 6.28
C ARG A 88 8.74 -1.11 5.10
N LEU A 89 9.00 -0.59 3.90
CA LEU A 89 8.28 -0.93 2.65
C LEU A 89 9.23 -1.73 1.74
N THR A 90 8.75 -2.89 1.26
CA THR A 90 9.49 -3.75 0.31
C THR A 90 9.21 -3.23 -1.11
N VAL A 91 10.26 -3.13 -1.93
CA VAL A 91 10.20 -2.61 -3.33
C VAL A 91 10.82 -3.66 -4.26
N PRO A 92 10.63 -3.56 -5.59
CA PRO A 92 11.13 -4.58 -6.52
C PRO A 92 12.61 -4.89 -6.27
N GLY A 93 12.93 -6.19 -6.28
CA GLY A 93 14.27 -6.74 -5.94
C GLY A 93 14.38 -7.11 -4.47
N GLU A 94 13.26 -7.13 -3.74
CA GLU A 94 13.18 -7.55 -2.30
C GLU A 94 14.02 -6.62 -1.42
N VAL A 95 14.12 -5.35 -1.81
CA VAL A 95 14.82 -4.27 -1.06
C VAL A 95 13.80 -3.61 -0.14
N VAL A 96 14.15 -3.46 1.14
CA VAL A 96 13.30 -2.84 2.19
C VAL A 96 13.79 -1.40 2.41
N LEU A 97 12.89 -0.42 2.29
CA LEU A 97 13.21 1.02 2.47
C LEU A 97 12.59 1.53 3.76
N PRO A 98 13.34 2.28 4.58
CA PRO A 98 12.76 3.12 5.63
C PRO A 98 11.76 4.01 4.88
N THR A 99 10.54 4.08 5.37
CA THR A 99 9.42 4.77 4.68
C THR A 99 8.65 5.56 5.74
N ALA A 100 8.47 6.86 5.48
CA ALA A 100 7.61 7.77 6.26
C ALA A 100 6.15 7.55 5.84
N GLY A 101 5.36 6.90 6.70
CA GLY A 101 3.92 6.67 6.47
C GLY A 101 3.07 7.83 6.96
N LEU A 102 2.70 8.75 6.07
CA LEU A 102 1.77 9.86 6.43
C LEU A 102 0.44 9.25 6.84
N SER A 103 -0.13 9.80 7.91
CA SER A 103 -1.36 9.26 8.55
C SER A 103 -2.00 10.34 9.41
N PHE A 104 -3.24 10.10 9.86
CA PHE A 104 -3.92 10.91 10.89
C PHE A 104 -4.01 12.38 10.43
N VAL A 105 -4.20 12.58 9.12
CA VAL A 105 -4.22 13.92 8.47
C VAL A 105 -5.65 14.44 8.49
N ALA A 106 -5.86 15.60 9.09
CA ALA A 106 -7.20 16.20 9.16
C ALA A 106 -7.09 17.72 9.27
N VAL A 107 -8.04 18.38 8.62
CA VAL A 107 -8.32 19.83 8.78
C VAL A 107 -9.77 19.96 9.28
N ALA A 108 -9.95 20.71 10.37
CA ALA A 108 -11.28 21.01 10.95
C ALA A 108 -12.21 21.50 9.84
N PRO A 109 -13.51 21.11 9.87
CA PRO A 109 -14.48 21.59 8.88
C PRO A 109 -14.63 23.11 8.92
N THR A 110 -14.22 23.73 10.03
CA THR A 110 -14.25 25.19 10.26
C THR A 110 -13.13 25.91 9.51
N HIS A 111 -12.13 25.19 8.98
CA HIS A 111 -10.84 25.80 8.55
C HIS A 111 -10.44 25.32 7.14
N ARG A 112 -11.41 25.01 6.27
CA ARG A 112 -11.15 24.62 4.86
C ARG A 112 -10.64 25.82 4.07
N ARG A 113 -9.92 25.57 2.97
CA ARG A 113 -9.46 26.58 1.97
C ARG A 113 -8.61 27.66 2.67
N ARG A 114 -7.79 27.31 3.67
CA ARG A 114 -6.81 28.25 4.30
C ARG A 114 -5.39 27.69 4.17
N GLY A 115 -5.16 26.76 3.22
CA GLY A 115 -3.83 26.17 2.95
C GLY A 115 -3.23 25.43 4.14
N LEU A 116 -4.06 24.93 5.08
CA LEU A 116 -3.56 24.21 6.29
C LEU A 116 -2.90 22.88 5.89
N LEU A 117 -3.50 22.14 4.96
CA LEU A 117 -2.96 20.86 4.45
C LEU A 117 -1.63 21.12 3.71
N ARG A 118 -1.57 22.13 2.83
CA ARG A 118 -0.32 22.51 2.11
C ARG A 118 0.81 22.77 3.13
N ALA A 119 0.54 23.55 4.18
CA ALA A 119 1.55 23.96 5.19
C ALA A 119 2.04 22.74 5.96
N MET A 120 1.12 21.89 6.42
CA MET A 120 1.43 20.70 7.27
C MET A 120 2.27 19.69 6.47
N CYS A 121 1.89 19.42 5.22
CA CYS A 121 2.60 18.50 4.29
C CYS A 121 4.00 19.04 3.98
N ALA A 122 4.14 20.36 3.81
CA ALA A 122 5.43 21.02 3.52
C ALA A 122 6.38 20.86 4.72
N GLU A 123 5.89 21.05 5.95
CA GLU A 123 6.67 20.90 7.20
C GLU A 123 7.07 19.43 7.40
N LEU A 124 6.14 18.48 7.25
CA LEU A 124 6.46 17.05 7.46
C LEU A 124 7.44 16.58 6.38
N HIS A 125 7.28 17.02 5.14
CA HIS A 125 8.19 16.66 4.02
C HIS A 125 9.61 17.15 4.30
N ARG A 126 9.75 18.35 4.88
CA ARG A 126 11.03 18.94 5.32
C ARG A 126 11.69 17.95 6.30
N ARG A 127 10.99 17.62 7.39
CA ARG A 127 11.48 16.77 8.51
C ARG A 127 11.79 15.37 8.00
N ILE A 128 10.99 14.86 7.07
CA ILE A 128 11.11 13.47 6.52
C ILE A 128 12.38 13.41 5.67
N ALA A 129 12.58 14.42 4.81
CA ALA A 129 13.76 14.54 3.92
C ALA A 129 15.03 14.70 4.76
N ASP A 130 15.02 15.60 5.76
CA ASP A 130 16.19 15.87 6.65
C ASP A 130 16.54 14.62 7.48
N SER A 131 15.54 13.81 7.83
CA SER A 131 15.70 12.60 8.67
C SER A 131 16.31 11.45 7.85
N GLY A 132 16.32 11.60 6.51
CA GLY A 132 16.98 10.67 5.56
C GLY A 132 16.06 9.59 4.98
N TYR A 133 14.74 9.73 5.08
CA TYR A 133 13.76 8.80 4.44
C TYR A 133 13.84 8.98 2.92
N PRO A 134 14.07 7.92 2.11
CA PRO A 134 14.06 8.05 0.65
C PRO A 134 12.66 8.19 0.04
N VAL A 135 11.64 7.68 0.73
CA VAL A 135 10.23 7.75 0.27
C VAL A 135 9.28 7.96 1.45
N ALA A 136 8.13 8.56 1.14
CA ALA A 136 6.95 8.65 2.00
C ALA A 136 5.80 7.92 1.31
N ALA A 137 4.80 7.51 2.10
CA ALA A 137 3.64 6.78 1.57
C ALA A 137 2.38 7.14 2.35
N LEU A 138 1.23 7.03 1.69
CA LEU A 138 -0.09 7.19 2.36
C LEU A 138 -1.17 6.40 1.62
N HIS A 139 -2.29 6.22 2.31
CA HIS A 139 -3.60 5.83 1.72
C HIS A 139 -4.46 7.09 1.68
N ALA A 140 -5.10 7.35 0.55
CA ALA A 140 -5.81 8.61 0.25
C ALA A 140 -7.31 8.40 0.45
N SER A 141 -7.96 9.30 1.18
CA SER A 141 -9.43 9.27 1.40
C SER A 141 -10.15 9.74 0.13
N GLU A 142 -9.55 10.65 -0.64
CA GLU A 142 -10.01 11.05 -2.01
C GLU A 142 -8.84 10.99 -2.99
N GLY A 143 -9.13 10.87 -4.29
CA GLY A 143 -8.11 10.68 -5.36
C GLY A 143 -7.60 11.99 -5.94
N GLY A 144 -8.16 13.14 -5.55
CA GLY A 144 -7.82 14.44 -6.16
C GLY A 144 -6.96 15.33 -5.28
N ILE A 145 -6.47 14.83 -4.14
CA ILE A 145 -5.78 15.66 -3.09
C ILE A 145 -4.26 15.62 -3.28
N TYR A 146 -3.64 14.44 -3.32
CA TYR A 146 -2.22 14.25 -2.95
C TYR A 146 -1.29 14.30 -4.17
N GLY A 147 -1.82 14.15 -5.39
CA GLY A 147 -1.10 14.41 -6.65
C GLY A 147 -0.28 15.68 -6.58
N ARG A 148 -0.88 16.79 -6.13
CA ARG A 148 -0.20 18.11 -6.16
C ARG A 148 0.92 18.18 -5.09
N PHE A 149 0.98 17.27 -4.10
CA PHE A 149 2.06 17.21 -3.07
C PHE A 149 3.14 16.19 -3.45
N GLY A 150 3.06 15.66 -4.67
CA GLY A 150 4.07 14.75 -5.26
C GLY A 150 3.77 13.28 -5.04
N TYR A 151 2.59 12.92 -4.54
CA TYR A 151 2.20 11.50 -4.32
C TYR A 151 1.51 10.95 -5.56
N GLY A 152 2.00 9.80 -6.04
CA GLY A 152 1.43 9.06 -7.17
C GLY A 152 0.80 7.76 -6.69
N PRO A 153 -0.41 7.38 -7.16
CA PRO A 153 -0.99 6.08 -6.82
C PRO A 153 -0.03 4.98 -7.30
N ALA A 154 0.39 4.07 -6.43
CA ALA A 154 1.51 3.14 -6.70
C ALA A 154 1.09 1.66 -6.63
N THR A 155 -0.04 1.35 -5.99
CA THR A 155 -0.65 -0.01 -6.01
C THR A 155 -2.12 0.12 -6.38
N THR A 156 -2.70 -0.97 -6.87
CA THR A 156 -4.13 -1.05 -7.25
C THR A 156 -4.83 -2.14 -6.43
N LEU A 157 -5.82 -1.72 -5.64
CA LEU A 157 -6.80 -2.61 -4.98
C LEU A 157 -7.79 -3.09 -6.04
N HIS A 158 -8.03 -4.39 -6.04
CA HIS A 158 -8.79 -5.15 -7.08
C HIS A 158 -9.69 -6.11 -6.32
N GLU A 159 -10.98 -5.78 -6.18
CA GLU A 159 -11.93 -6.66 -5.46
C GLU A 159 -12.41 -7.72 -6.46
N LEU A 160 -12.17 -8.98 -6.10
CA LEU A 160 -12.78 -10.16 -6.78
C LEU A 160 -13.90 -10.67 -5.90
N THR A 161 -15.06 -10.91 -6.52
CA THR A 161 -16.20 -11.61 -5.90
C THR A 161 -16.48 -12.88 -6.70
N VAL A 162 -16.39 -14.03 -6.03
CA VAL A 162 -16.55 -15.38 -6.64
C VAL A 162 -17.95 -15.89 -6.29
N ASP A 163 -18.80 -16.16 -7.28
CA ASP A 163 -20.05 -16.95 -7.01
C ASP A 163 -19.58 -18.40 -6.81
N ARG A 164 -19.24 -18.75 -5.56
CA ARG A 164 -18.52 -20.01 -5.25
C ARG A 164 -19.42 -21.22 -5.51
N ARG A 165 -20.72 -21.01 -5.75
CA ARG A 165 -21.64 -22.15 -6.03
C ARG A 165 -21.36 -22.76 -7.42
N PHE A 166 -20.69 -22.04 -8.33
CA PHE A 166 -20.35 -22.56 -9.69
C PHE A 166 -18.86 -22.90 -9.81
N ALA A 167 -18.06 -22.52 -8.82
CA ALA A 167 -16.58 -22.61 -8.89
C ALA A 167 -16.18 -24.09 -8.85
N ARG A 168 -15.57 -24.56 -9.94
CA ARG A 168 -14.86 -25.86 -10.03
C ARG A 168 -13.40 -25.56 -10.40
N PHE A 169 -12.45 -26.20 -9.73
CA PHE A 169 -11.01 -26.04 -10.04
C PHE A 169 -10.70 -26.72 -11.38
N HIS A 170 -9.94 -26.00 -12.22
CA HIS A 170 -9.29 -26.51 -13.45
C HIS A 170 -8.51 -27.80 -13.11
N ALA A 171 -8.40 -28.71 -14.08
CA ALA A 171 -7.58 -29.94 -13.97
C ALA A 171 -6.13 -29.58 -13.63
N ASP A 172 -5.62 -28.48 -14.19
CA ASP A 172 -4.20 -28.07 -14.03
C ASP A 172 -3.96 -27.50 -12.62
N ALA A 173 -5.03 -27.08 -11.91
CA ALA A 173 -4.90 -26.37 -10.60
C ALA A 173 -4.16 -27.25 -9.60
N PRO A 174 -3.20 -26.71 -8.82
CA PRO A 174 -2.49 -27.50 -7.80
C PRO A 174 -3.42 -28.00 -6.68
N GLY A 175 -3.06 -29.08 -5.99
CA GLY A 175 -3.86 -29.68 -4.90
C GLY A 175 -4.94 -30.61 -5.44
N GLY A 176 -5.94 -30.96 -4.62
CA GLY A 176 -7.10 -31.80 -5.04
C GLY A 176 -6.91 -33.26 -4.68
N SER A 182 -3.93 -30.05 4.10
CA SER A 182 -2.79 -29.09 4.25
C SER A 182 -3.25 -27.84 5.01
N VAL A 183 -4.52 -27.43 4.85
CA VAL A 183 -5.10 -26.20 5.47
C VAL A 183 -5.96 -26.61 6.67
N ARG A 184 -5.91 -25.81 7.73
CA ARG A 184 -6.69 -26.09 8.97
C ARG A 184 -7.56 -24.86 9.28
N LEU A 185 -8.78 -25.12 9.75
CA LEU A 185 -9.65 -24.06 10.32
C LEU A 185 -9.25 -23.81 11.78
N VAL A 186 -8.85 -22.58 12.11
CA VAL A 186 -8.28 -22.24 13.44
C VAL A 186 -8.85 -20.91 13.91
N ARG A 187 -8.74 -20.67 15.21
CA ARG A 187 -8.98 -19.36 15.84
C ARG A 187 -7.70 -18.56 15.74
N PRO A 188 -7.76 -17.35 15.14
CA PRO A 188 -6.57 -16.51 15.00
C PRO A 188 -5.76 -16.33 16.29
N THR A 189 -6.39 -16.09 17.44
CA THR A 189 -5.70 -15.71 18.71
C THR A 189 -4.81 -16.87 19.19
N GLU A 190 -5.08 -18.11 18.77
CA GLU A 190 -4.36 -19.32 19.28
C GLU A 190 -3.18 -19.67 18.36
N HIS A 191 -2.92 -18.90 17.31
CA HIS A 191 -1.83 -19.17 16.34
C HIS A 191 -1.13 -17.87 15.91
N ARG A 192 -0.95 -16.94 16.85
CA ARG A 192 -0.36 -15.60 16.56
C ARG A 192 1.03 -15.79 15.97
N GLY A 193 1.87 -16.59 16.64
CA GLY A 193 3.27 -16.86 16.24
C GLY A 193 3.37 -17.26 14.78
N GLU A 194 2.43 -18.07 14.30
CA GLU A 194 2.50 -18.68 12.95
C GLU A 194 1.99 -17.67 11.90
N PHE A 195 1.04 -16.80 12.26
CA PHE A 195 0.58 -15.71 11.36
C PHE A 195 1.72 -14.70 11.23
N GLU A 196 2.34 -14.33 12.35
CA GLU A 196 3.47 -13.37 12.41
C GLU A 196 4.57 -13.84 11.45
N ALA A 197 4.96 -15.12 11.53
CA ALA A 197 6.09 -15.72 10.78
C ALA A 197 5.75 -15.80 9.29
N ILE A 198 4.52 -16.16 8.93
CA ILE A 198 4.10 -16.26 7.51
C ILE A 198 4.05 -14.87 6.90
N TYR A 199 3.42 -13.92 7.60
CA TYR A 199 3.34 -12.52 7.14
C TYR A 199 4.76 -11.98 6.94
N GLU A 200 5.67 -12.20 7.90
CA GLU A 200 7.07 -11.70 7.87
C GLU A 200 7.76 -12.22 6.60
N ARG A 201 7.55 -13.49 6.24
CA ARG A 201 8.11 -14.06 4.99
C ARG A 201 7.46 -13.36 3.78
N TRP A 202 6.14 -13.19 3.83
CA TRP A 202 5.35 -12.59 2.73
C TRP A 202 5.83 -11.16 2.45
N ARG A 203 5.97 -10.33 3.48
CA ARG A 203 6.21 -8.87 3.35
C ARG A 203 7.62 -8.60 2.81
N GLN A 204 8.59 -9.47 3.13
CA GLN A 204 10.01 -9.36 2.67
C GLN A 204 10.12 -9.76 1.19
N GLN A 205 9.16 -10.55 0.69
CA GLN A 205 9.22 -11.19 -0.65
C GLN A 205 8.42 -10.40 -1.71
N VAL A 206 7.48 -9.53 -1.31
CA VAL A 206 6.46 -8.94 -2.23
C VAL A 206 6.56 -7.42 -2.23
N PRO A 207 6.72 -6.76 -3.41
CA PRO A 207 6.67 -5.29 -3.46
C PRO A 207 5.32 -4.77 -2.96
N GLY A 208 5.35 -3.77 -2.07
CA GLY A 208 4.16 -3.30 -1.32
C GLY A 208 4.15 -3.81 0.10
N GLY A 209 4.98 -4.81 0.42
CA GLY A 209 5.05 -5.38 1.78
C GLY A 209 5.45 -4.32 2.80
N LEU A 210 4.78 -4.31 3.96
CA LEU A 210 5.15 -3.50 5.15
C LEU A 210 5.47 -4.41 6.34
N LEU A 211 6.55 -4.13 7.08
CA LEU A 211 6.80 -4.72 8.43
C LEU A 211 5.57 -4.43 9.28
N ARG A 212 5.06 -5.45 9.97
CA ARG A 212 3.89 -5.30 10.89
C ARG A 212 4.35 -5.54 12.33
N PRO A 213 4.60 -4.46 13.12
CA PRO A 213 5.13 -4.60 14.48
C PRO A 213 4.10 -5.23 15.46
N GLN A 214 4.59 -5.76 16.59
CA GLN A 214 3.77 -6.38 17.68
C GLN A 214 2.43 -5.65 17.80
N VAL A 215 2.44 -4.34 18.04
CA VAL A 215 1.23 -3.60 18.49
C VAL A 215 0.15 -3.67 17.39
N LEU A 216 0.53 -3.80 16.12
CA LEU A 216 -0.45 -3.90 14.99
C LEU A 216 -1.05 -5.30 14.91
N TRP A 217 -0.29 -6.33 15.29
CA TRP A 217 -0.82 -7.69 15.54
C TRP A 217 -1.79 -7.67 16.73
N ASP A 218 -1.48 -6.95 17.83
CA ASP A 218 -2.39 -6.81 18.99
C ASP A 218 -3.75 -6.29 18.48
N GLU A 219 -3.75 -5.20 17.71
CA GLU A 219 -4.98 -4.56 17.14
C GLU A 219 -5.69 -5.55 16.22
N LEU A 220 -4.96 -6.18 15.30
CA LEU A 220 -5.56 -7.06 14.26
C LEU A 220 -6.36 -8.16 14.95
N LEU A 221 -5.80 -8.79 15.98
CA LEU A 221 -6.39 -9.96 16.67
C LEU A 221 -7.50 -9.52 17.63
N ALA A 222 -7.52 -8.23 18.01
CA ALA A 222 -8.59 -7.64 18.85
C ALA A 222 -9.84 -7.38 17.99
N GLU A 223 -9.64 -7.02 16.71
CA GLU A 223 -10.72 -6.87 15.69
C GLU A 223 -11.33 -8.23 15.31
N ALA A 224 -10.57 -9.32 15.46
CA ALA A 224 -10.98 -10.70 15.10
C ALA A 224 -12.12 -11.17 16.01
N LYS A 225 -12.20 -10.62 17.22
CA LYS A 225 -13.28 -10.95 18.19
C LYS A 225 -14.59 -10.37 17.64
N ALA A 226 -15.71 -11.08 17.79
CA ALA A 226 -17.03 -10.60 17.36
C ALA A 226 -17.38 -9.33 18.14
N ALA A 227 -18.03 -8.37 17.48
CA ALA A 227 -18.40 -7.07 18.10
C ALA A 227 -19.91 -7.01 18.29
N PRO A 228 -20.40 -6.68 19.51
CA PRO A 228 -21.84 -6.50 19.74
C PRO A 228 -22.40 -5.41 18.81
N GLY A 229 -23.41 -5.72 18.00
CA GLY A 229 -23.94 -4.79 16.98
C GLY A 229 -22.86 -4.37 16.00
N GLY A 230 -21.93 -5.28 15.68
CA GLY A 230 -20.77 -4.99 14.82
C GLY A 230 -20.37 -6.19 14.01
N ASP A 231 -19.10 -6.27 13.62
CA ASP A 231 -18.57 -7.38 12.78
C ASP A 231 -18.71 -8.70 13.54
N ARG A 232 -18.81 -9.81 12.81
CA ARG A 232 -18.90 -11.17 13.38
C ARG A 232 -17.49 -11.66 13.71
N GLU A 233 -17.37 -12.87 14.27
CA GLU A 233 -16.06 -13.45 14.63
C GLU A 233 -15.29 -13.72 13.34
N SER A 234 -13.97 -13.49 13.35
CA SER A 234 -13.07 -13.88 12.25
C SER A 234 -12.57 -15.28 12.51
N PHE A 235 -12.52 -16.09 11.45
CA PHE A 235 -11.84 -17.40 11.47
C PHE A 235 -10.68 -17.34 10.50
N ALA A 236 -9.84 -18.36 10.56
CA ALA A 236 -8.55 -18.39 9.84
C ALA A 236 -8.45 -19.75 9.16
N LEU A 237 -7.90 -19.75 7.96
CA LEU A 237 -7.45 -20.97 7.25
C LEU A 237 -5.93 -20.93 7.21
N LEU A 238 -5.28 -21.88 7.90
CA LEU A 238 -3.82 -21.88 8.14
C LEU A 238 -3.20 -23.04 7.35
N HIS A 239 -2.21 -22.69 6.55
CA HIS A 239 -1.31 -23.56 5.76
C HIS A 239 0.10 -23.29 6.27
N PRO A 240 1.05 -24.25 6.22
CA PRO A 240 2.45 -23.95 6.57
C PRO A 240 2.96 -22.65 5.92
N ASP A 241 2.60 -22.40 4.66
CA ASP A 241 3.17 -21.30 3.82
C ASP A 241 2.09 -20.29 3.41
N GLY A 242 1.05 -20.11 4.24
CA GLY A 242 -0.01 -19.13 3.91
C GLY A 242 -1.14 -19.13 4.93
N TYR A 243 -1.87 -18.02 5.01
CA TYR A 243 -3.13 -17.96 5.78
C TYR A 243 -4.12 -17.02 5.10
N ALA A 244 -5.39 -17.23 5.43
CA ALA A 244 -6.53 -16.35 5.07
C ALA A 244 -7.32 -16.04 6.35
N LEU A 245 -7.52 -14.76 6.67
CA LEU A 245 -8.49 -14.31 7.70
C LEU A 245 -9.77 -13.91 6.97
N TYR A 246 -10.89 -14.44 7.41
CA TYR A 246 -12.20 -14.18 6.77
C TYR A 246 -13.27 -14.08 7.85
N ARG A 247 -14.39 -13.49 7.46
CA ARG A 247 -15.51 -13.17 8.37
C ARG A 247 -16.78 -13.13 7.54
N VAL A 248 -17.86 -13.69 8.05
CA VAL A 248 -19.18 -13.54 7.37
C VAL A 248 -19.61 -12.07 7.51
N ASP A 249 -20.11 -11.48 6.42
CA ASP A 249 -20.58 -10.07 6.38
C ASP A 249 -21.63 -9.87 7.48
N ARG A 250 -21.62 -8.67 8.08
CA ARG A 250 -22.50 -8.32 9.23
C ARG A 250 -23.97 -8.49 8.84
N THR A 251 -24.35 -8.09 7.62
CA THR A 251 -25.77 -8.03 7.14
C THR A 251 -26.07 -9.13 6.09
N ASP A 252 -25.23 -9.30 5.07
CA ASP A 252 -25.38 -10.36 4.03
C ASP A 252 -24.75 -11.66 4.55
N LEU A 253 -25.56 -12.60 5.05
CA LEU A 253 -25.06 -13.83 5.74
C LEU A 253 -24.61 -14.90 4.72
N LYS A 254 -24.77 -14.65 3.42
CA LYS A 254 -24.29 -15.53 2.31
C LYS A 254 -22.98 -15.00 1.68
N LEU A 255 -22.41 -13.93 2.25
CA LEU A 255 -21.14 -13.33 1.76
C LEU A 255 -20.07 -13.54 2.82
N ALA A 256 -18.93 -14.15 2.44
CA ALA A 256 -17.73 -14.21 3.30
C ALA A 256 -16.72 -13.21 2.73
N ARG A 257 -16.20 -12.34 3.60
CA ARG A 257 -15.19 -11.33 3.22
C ARG A 257 -13.83 -11.82 3.73
N VAL A 258 -12.90 -12.05 2.81
CA VAL A 258 -11.49 -12.33 3.19
C VAL A 258 -10.83 -10.99 3.50
N SER A 259 -10.49 -10.73 4.77
CA SER A 259 -9.82 -9.47 5.17
C SER A 259 -8.38 -9.44 4.64
N GLU A 260 -7.76 -10.62 4.45
CA GLU A 260 -6.29 -10.78 4.35
C GLU A 260 -5.98 -12.22 3.93
N LEU A 261 -5.27 -12.38 2.83
CA LEU A 261 -4.72 -13.70 2.42
C LEU A 261 -3.27 -13.51 2.02
N ARG A 262 -2.37 -14.07 2.84
CA ARG A 262 -0.90 -14.00 2.69
C ARG A 262 -0.44 -15.40 2.31
N ALA A 263 -0.02 -15.57 1.06
CA ALA A 263 0.47 -16.85 0.50
C ALA A 263 1.90 -16.64 0.03
N VAL A 264 2.82 -17.45 0.56
CA VAL A 264 4.27 -17.37 0.27
C VAL A 264 4.57 -18.26 -0.95
N THR A 265 3.71 -19.25 -1.25
CA THR A 265 3.85 -20.18 -2.41
C THR A 265 2.54 -20.27 -3.20
N ALA A 266 2.63 -20.63 -4.49
CA ALA A 266 1.47 -20.89 -5.37
C ALA A 266 0.61 -22.02 -4.78
N ASP A 267 1.25 -23.06 -4.21
CA ASP A 267 0.55 -24.18 -3.54
C ASP A 267 -0.30 -23.65 -2.38
N ALA A 268 0.28 -22.82 -1.50
CA ALA A 268 -0.46 -22.24 -0.35
C ALA A 268 -1.67 -21.46 -0.87
N HIS A 269 -1.51 -20.63 -1.92
CA HIS A 269 -2.57 -19.77 -2.51
C HIS A 269 -3.71 -20.67 -3.03
N CYS A 270 -3.37 -21.72 -3.76
CA CYS A 270 -4.39 -22.65 -4.32
C CYS A 270 -5.07 -23.41 -3.18
N ALA A 271 -4.30 -24.00 -2.27
CA ALA A 271 -4.82 -24.77 -1.11
C ALA A 271 -5.81 -23.88 -0.34
N LEU A 272 -5.41 -22.65 -0.05
CA LEU A 272 -6.27 -21.71 0.72
C LEU A 272 -7.57 -21.47 -0.06
N TRP A 273 -7.52 -21.32 -1.38
CA TRP A 273 -8.73 -20.99 -2.18
C TRP A 273 -9.66 -22.21 -2.27
N ARG A 274 -9.11 -23.42 -2.38
CA ARG A 274 -9.91 -24.66 -2.29
C ARG A 274 -10.71 -24.65 -0.97
N ALA A 275 -10.10 -24.22 0.13
CA ALA A 275 -10.75 -24.20 1.45
C ALA A 275 -11.86 -23.12 1.44
N LEU A 276 -11.59 -21.94 0.90
CA LEU A 276 -12.58 -20.83 0.86
C LEU A 276 -13.77 -21.23 -0.04
N ILE A 277 -13.52 -21.90 -1.17
CA ILE A 277 -14.59 -22.42 -2.07
C ILE A 277 -15.37 -23.52 -1.34
N GLY A 278 -14.76 -24.18 -0.36
CA GLY A 278 -15.43 -25.15 0.53
C GLY A 278 -16.33 -24.51 1.59
N LEU A 279 -16.48 -23.18 1.66
CA LEU A 279 -17.44 -22.58 2.64
C LEU A 279 -18.86 -22.72 2.06
N ASP A 280 -19.41 -23.93 2.12
CA ASP A 280 -20.60 -24.35 1.33
C ASP A 280 -21.85 -23.57 1.75
N SER A 281 -21.90 -23.00 2.95
CA SER A 281 -23.08 -22.20 3.39
C SER A 281 -23.04 -20.78 2.78
N MET A 282 -21.97 -20.40 2.07
CA MET A 282 -21.81 -19.06 1.44
C MET A 282 -22.19 -19.15 -0.06
N GLU A 283 -22.74 -18.07 -0.62
CA GLU A 283 -22.97 -17.90 -2.08
C GLU A 283 -21.74 -17.26 -2.72
N ARG A 284 -21.12 -16.31 -2.00
CA ARG A 284 -20.09 -15.39 -2.55
C ARG A 284 -18.92 -15.30 -1.57
N ILE A 285 -17.69 -15.33 -2.11
CA ILE A 285 -16.41 -14.96 -1.44
C ILE A 285 -15.93 -13.68 -2.13
N SER A 286 -15.67 -12.64 -1.35
CA SER A 286 -15.02 -11.39 -1.83
C SER A 286 -13.67 -11.23 -1.12
N ILE A 287 -12.69 -10.74 -1.87
CA ILE A 287 -11.34 -10.36 -1.36
C ILE A 287 -10.92 -9.08 -2.08
N ILE A 288 -10.29 -8.16 -1.36
CA ILE A 288 -9.52 -7.05 -1.97
C ILE A 288 -8.09 -7.56 -2.16
N THR A 289 -7.70 -7.73 -3.42
CA THR A 289 -6.40 -8.33 -3.83
C THR A 289 -5.76 -7.39 -4.84
N HIS A 290 -4.96 -7.93 -5.75
CA HIS A 290 -4.17 -7.17 -6.76
C HIS A 290 -4.56 -7.67 -8.15
N PRO A 291 -4.38 -6.85 -9.22
CA PRO A 291 -4.83 -7.19 -10.57
C PRO A 291 -4.32 -8.53 -11.12
N GLN A 292 -3.13 -8.96 -10.69
CA GLN A 292 -2.45 -10.17 -11.20
C GLN A 292 -2.72 -11.37 -10.28
N ASP A 293 -3.71 -11.29 -9.38
CA ASP A 293 -4.13 -12.45 -8.55
C ASP A 293 -4.42 -13.61 -9.50
N PRO A 294 -3.71 -14.74 -9.37
CA PRO A 294 -3.93 -15.89 -10.27
C PRO A 294 -5.28 -16.62 -10.11
N LEU A 295 -6.05 -16.31 -9.06
CA LEU A 295 -7.35 -16.99 -8.74
C LEU A 295 -8.17 -17.30 -9.98
N PRO A 296 -8.49 -16.33 -10.86
CA PRO A 296 -9.40 -16.59 -11.98
C PRO A 296 -8.95 -17.84 -12.76
N HIS A 297 -7.64 -17.99 -12.95
CA HIS A 297 -7.01 -19.07 -13.77
C HIS A 297 -7.07 -20.42 -13.04
N LEU A 298 -7.37 -20.44 -11.74
CA LEU A 298 -7.54 -21.71 -10.97
C LEU A 298 -8.88 -22.36 -11.31
N LEU A 299 -9.76 -21.69 -12.06
CA LEU A 299 -11.17 -22.12 -12.26
C LEU A 299 -11.39 -22.50 -13.73
N THR A 300 -12.33 -23.43 -13.98
CA THR A 300 -12.76 -23.80 -15.35
C THR A 300 -13.45 -22.60 -16.01
N ASP A 301 -14.07 -21.73 -15.20
CA ASP A 301 -14.73 -20.49 -15.68
C ASP A 301 -14.04 -19.27 -15.04
N THR A 302 -13.13 -18.63 -15.77
CA THR A 302 -12.33 -17.47 -15.30
C THR A 302 -13.29 -16.33 -14.93
N ARG A 303 -14.43 -16.28 -15.60
CA ARG A 303 -15.43 -15.17 -15.48
C ARG A 303 -16.08 -15.19 -14.08
N LEU A 304 -16.04 -16.31 -13.36
CA LEU A 304 -16.61 -16.44 -11.99
C LEU A 304 -15.91 -15.54 -10.98
N ALA A 305 -14.62 -15.27 -11.16
CA ALA A 305 -13.87 -14.32 -10.30
C ALA A 305 -14.10 -12.92 -10.87
N ARG A 306 -15.24 -12.32 -10.54
CA ARG A 306 -15.69 -11.01 -11.10
C ARG A 306 -14.99 -9.87 -10.36
N THR A 307 -14.48 -8.90 -11.12
CA THR A 307 -13.96 -7.62 -10.58
C THR A 307 -15.17 -6.76 -10.22
N THR A 308 -15.40 -6.56 -8.92
CA THR A 308 -16.56 -5.79 -8.38
C THR A 308 -16.13 -4.38 -7.97
N TRP A 309 -14.83 -4.07 -7.94
CA TRP A 309 -14.30 -2.79 -7.42
C TRP A 309 -12.81 -2.66 -7.74
N ARG A 310 -12.38 -1.47 -8.16
CA ARG A 310 -10.96 -1.14 -8.36
C ARG A 310 -10.71 0.26 -7.82
N GLN A 311 -9.54 0.48 -7.20
CA GLN A 311 -9.16 1.79 -6.64
C GLN A 311 -7.64 1.80 -6.39
N ASP A 312 -7.04 2.99 -6.43
CA ASP A 312 -5.67 3.26 -5.92
C ASP A 312 -5.55 2.70 -4.49
N GLY A 313 -4.44 2.01 -4.18
CA GLY A 313 -4.10 1.60 -2.81
C GLY A 313 -3.08 2.53 -2.19
N LEU A 314 -1.82 2.08 -2.12
CA LEU A 314 -0.71 2.87 -1.54
C LEU A 314 -0.30 3.95 -2.55
N TRP A 315 -0.10 5.16 -2.05
CA TRP A 315 0.48 6.30 -2.81
C TRP A 315 1.92 6.48 -2.33
N LEU A 316 2.84 6.79 -3.26
CA LEU A 316 4.27 7.05 -2.94
C LEU A 316 4.64 8.47 -3.33
N ARG A 317 5.37 9.14 -2.45
CA ARG A 317 6.18 10.34 -2.79
C ARG A 317 7.65 9.95 -2.65
N ILE A 318 8.38 9.97 -3.77
CA ILE A 318 9.86 9.83 -3.82
C ILE A 318 10.47 11.10 -3.17
N MET A 319 11.05 10.98 -1.99
CA MET A 319 11.65 12.12 -1.25
C MET A 319 13.01 12.45 -1.89
N ASN A 320 13.77 11.41 -2.22
CA ASN A 320 15.14 11.53 -2.80
C ASN A 320 15.21 10.65 -4.06
N VAL A 321 15.26 11.28 -5.24
CA VAL A 321 15.14 10.59 -6.56
C VAL A 321 16.32 9.62 -6.71
N PRO A 322 17.59 10.08 -6.58
CA PRO A 322 18.73 9.19 -6.71
C PRO A 322 18.71 8.00 -5.74
N ALA A 323 18.45 8.24 -4.45
CA ALA A 323 18.44 7.18 -3.41
C ALA A 323 17.36 6.13 -3.74
N ALA A 324 16.18 6.57 -4.17
CA ALA A 324 15.04 5.68 -4.50
C ALA A 324 15.34 4.91 -5.80
N LEU A 325 15.76 5.60 -6.87
CA LEU A 325 16.04 4.93 -8.17
C LEU A 325 17.20 3.94 -7.99
N GLU A 326 18.18 4.24 -7.14
CA GLU A 326 19.34 3.33 -6.96
C GLU A 326 18.97 2.13 -6.07
N ALA A 327 18.12 2.33 -5.07
CA ALA A 327 17.81 1.30 -4.04
C ALA A 327 17.11 0.10 -4.68
N ARG A 328 16.23 0.31 -5.67
CA ARG A 328 15.35 -0.77 -6.20
C ARG A 328 16.05 -1.52 -7.35
N GLY A 329 15.59 -2.76 -7.59
CA GLY A 329 16.02 -3.65 -8.69
C GLY A 329 15.19 -3.40 -9.94
N TYR A 330 15.76 -3.67 -11.11
CA TYR A 330 15.14 -3.44 -12.45
C TYR A 330 15.16 -4.75 -13.22
N ALA A 331 14.41 -4.85 -14.33
CA ALA A 331 14.31 -6.10 -15.11
C ALA A 331 15.67 -6.44 -15.73
N HIS A 332 16.13 -7.67 -15.55
CA HIS A 332 17.40 -8.19 -16.12
C HIS A 332 17.27 -8.32 -17.64
N GLU A 333 16.05 -8.54 -18.15
CA GLU A 333 15.79 -8.81 -19.60
C GLU A 333 16.10 -7.58 -20.46
N VAL A 334 15.78 -6.36 -20.02
CA VAL A 334 16.13 -5.13 -20.77
C VAL A 334 17.66 -5.00 -20.78
N GLY A 335 18.23 -4.58 -21.91
CA GLY A 335 19.68 -4.36 -22.03
C GLY A 335 20.07 -3.01 -21.47
N GLU A 336 21.33 -2.86 -21.03
CA GLU A 336 21.88 -1.58 -20.54
C GLU A 336 21.51 -0.45 -21.51
N PHE A 337 20.94 0.62 -20.95
CA PHE A 337 20.65 1.89 -21.66
C PHE A 337 20.94 3.05 -20.70
N SER A 338 21.12 4.24 -21.25
CA SER A 338 21.38 5.49 -20.51
C SER A 338 20.43 6.57 -21.01
N THR A 339 19.92 7.40 -20.11
CA THR A 339 19.06 8.55 -20.49
C THR A 339 19.25 9.64 -19.45
N VAL A 340 18.57 10.75 -19.64
CA VAL A 340 18.54 11.89 -18.68
C VAL A 340 17.08 12.11 -18.29
N LEU A 341 16.80 11.92 -17.01
CA LEU A 341 15.46 12.07 -16.39
C LEU A 341 15.39 13.40 -15.66
N GLU A 342 14.43 14.25 -16.04
CA GLU A 342 14.06 15.43 -15.21
C GLU A 342 12.74 15.14 -14.48
N VAL A 343 12.77 15.31 -13.16
CA VAL A 343 11.55 15.46 -12.32
C VAL A 343 11.27 16.97 -12.18
N SER A 344 10.11 17.44 -12.62
CA SER A 344 9.68 18.86 -12.48
C SER A 344 9.98 19.32 -11.06
N ASP A 345 10.83 20.34 -10.88
CA ASP A 345 11.18 20.90 -9.54
C ASP A 345 11.66 19.80 -8.58
N GLY A 346 12.46 18.86 -9.07
CA GLY A 346 12.96 17.72 -8.26
C GLY A 346 14.33 17.24 -8.69
N GLY A 347 14.97 17.96 -9.63
CA GLY A 347 16.34 17.70 -10.11
C GLY A 347 16.36 17.02 -11.47
N ARG A 348 17.54 17.02 -12.10
CA ARG A 348 17.79 16.30 -13.37
C ARG A 348 18.96 15.35 -13.15
N PHE A 349 18.86 14.15 -13.72
CA PHE A 349 19.76 13.02 -13.40
C PHE A 349 20.10 12.21 -14.66
N ALA A 350 21.39 11.92 -14.78
CA ALA A 350 21.92 10.86 -15.67
C ALA A 350 21.53 9.52 -15.06
N LEU A 351 20.68 8.80 -15.77
CA LEU A 351 20.11 7.50 -15.33
C LEU A 351 20.67 6.42 -16.24
N LYS A 352 21.42 5.51 -15.66
CA LYS A 352 22.01 4.34 -16.37
C LYS A 352 21.47 3.08 -15.71
N ILE A 353 20.78 2.25 -16.49
CA ILE A 353 20.13 1.00 -16.00
C ILE A 353 20.73 -0.18 -16.77
N GLY A 354 21.29 -1.16 -16.06
CA GLY A 354 21.79 -2.41 -16.63
C GLY A 354 22.09 -3.43 -15.54
N ASP A 355 21.98 -4.73 -15.88
CA ASP A 355 22.09 -5.88 -14.93
C ASP A 355 21.15 -5.67 -13.74
N GLY A 356 19.96 -5.13 -14.00
CA GLY A 356 18.90 -4.91 -12.99
C GLY A 356 19.33 -3.96 -11.89
N ARG A 357 20.33 -3.10 -12.11
CA ARG A 357 20.77 -2.05 -11.13
C ARG A 357 20.74 -0.69 -11.87
N ALA A 358 20.49 0.38 -11.13
CA ALA A 358 20.51 1.78 -11.64
C ALA A 358 21.60 2.58 -10.95
N ARG A 359 22.32 3.39 -11.72
CA ARG A 359 23.14 4.53 -11.23
C ARG A 359 22.42 5.80 -11.67
N CYS A 360 22.23 6.72 -10.73
CA CYS A 360 21.41 7.94 -10.93
C CYS A 360 22.19 9.10 -10.32
N THR A 361 22.77 9.95 -11.18
CA THR A 361 23.80 10.96 -10.79
C THR A 361 23.46 12.34 -11.35
N PRO A 362 23.87 13.43 -10.66
CA PRO A 362 23.52 14.78 -11.08
C PRO A 362 24.00 15.08 -12.50
N THR A 363 23.25 15.88 -13.27
CA THR A 363 23.66 16.34 -14.63
C THR A 363 22.89 17.61 -15.01
N ASP A 364 23.46 18.39 -15.94
CA ASP A 364 22.78 19.53 -16.61
C ASP A 364 22.67 19.27 -18.11
N ALA A 365 22.97 18.06 -18.59
CA ALA A 365 22.73 17.63 -20.00
C ALA A 365 21.22 17.69 -20.31
N ALA A 366 20.86 17.89 -21.58
CA ALA A 366 19.45 17.99 -22.07
C ALA A 366 18.65 16.79 -21.56
N ALA A 367 17.48 17.03 -20.99
CA ALA A 367 16.52 16.00 -20.55
C ALA A 367 16.01 15.23 -21.78
N GLU A 368 15.90 13.91 -21.65
CA GLU A 368 15.24 13.05 -22.67
C GLU A 368 13.86 12.61 -22.17
N ILE A 369 13.69 12.55 -20.84
CA ILE A 369 12.40 12.23 -20.16
C ILE A 369 12.08 13.32 -19.16
N GLU A 370 10.85 13.81 -19.16
CA GLU A 370 10.35 14.72 -18.09
C GLU A 370 9.07 14.14 -17.50
N MET A 371 8.85 14.39 -16.22
CA MET A 371 7.60 14.02 -15.52
C MET A 371 7.57 14.74 -14.17
N ASP A 372 6.37 15.04 -13.69
CA ASP A 372 6.14 15.49 -12.28
C ASP A 372 6.56 14.35 -11.34
N ARG A 373 6.84 14.68 -10.07
CA ARG A 373 7.30 13.75 -9.03
C ARG A 373 6.28 12.62 -8.80
N ASP A 374 4.98 12.91 -8.85
CA ASP A 374 3.89 11.93 -8.58
C ASP A 374 3.98 10.77 -9.59
N VAL A 375 4.25 11.11 -10.85
CA VAL A 375 4.34 10.14 -11.98
C VAL A 375 5.42 9.11 -11.61
N LEU A 376 6.57 9.59 -11.10
CA LEU A 376 7.68 8.69 -10.70
C LEU A 376 7.23 7.76 -9.57
N GLY A 377 6.52 8.26 -8.57
CA GLY A 377 5.96 7.40 -7.51
C GLY A 377 5.06 6.32 -8.09
N SER A 378 4.24 6.65 -9.09
CA SER A 378 3.27 5.72 -9.74
C SER A 378 4.03 4.64 -10.53
N LEU A 379 5.19 5.00 -11.12
CA LEU A 379 6.05 4.06 -11.89
C LEU A 379 6.78 3.10 -10.93
N TYR A 380 7.07 3.53 -9.69
CA TYR A 380 8.21 3.03 -8.89
C TYR A 380 8.04 1.55 -8.50
N LEU A 381 6.81 1.10 -8.19
CA LEU A 381 6.52 -0.30 -7.75
C LEU A 381 5.97 -1.14 -8.92
N GLY A 382 5.96 -0.61 -10.15
CA GLY A 382 5.61 -1.37 -11.37
C GLY A 382 4.12 -1.43 -11.69
N ALA A 383 3.26 -0.76 -10.93
CA ALA A 383 1.77 -0.84 -11.10
C ALA A 383 1.29 -0.10 -12.35
N HIS A 384 1.99 0.95 -12.79
CA HIS A 384 1.59 1.77 -13.96
C HIS A 384 2.73 1.74 -14.99
N ARG A 385 2.37 1.42 -16.24
CA ARG A 385 3.28 1.40 -17.41
C ARG A 385 3.61 2.84 -17.79
N ALA A 386 4.89 3.08 -18.08
CA ALA A 386 5.41 4.36 -18.63
C ALA A 386 4.65 4.74 -19.91
N SER A 387 4.37 3.79 -20.82
CA SER A 387 3.73 4.11 -22.13
C SER A 387 2.29 4.60 -21.91
N THR A 388 1.63 4.11 -20.85
CA THR A 388 0.25 4.54 -20.46
C THR A 388 0.30 5.98 -19.94
N LEU A 389 1.27 6.30 -19.09
CA LEU A 389 1.41 7.67 -18.54
C LEU A 389 1.86 8.62 -19.66
N ALA A 390 2.68 8.14 -20.61
CA ALA A 390 3.09 8.91 -21.81
C ALA A 390 1.87 9.24 -22.69
N ALA A 391 1.00 8.28 -22.99
CA ALA A 391 -0.17 8.51 -23.88
C ALA A 391 -1.05 9.64 -23.32
N ALA A 392 -1.01 9.85 -22.00
CA ALA A 392 -1.77 10.90 -21.29
C ALA A 392 -0.91 12.15 -21.10
N ASN A 393 0.33 12.10 -21.61
CA ASN A 393 1.29 13.23 -21.58
C ASN A 393 1.69 13.57 -20.12
N ARG A 394 1.65 12.60 -19.21
CA ARG A 394 2.14 12.78 -17.81
C ARG A 394 3.64 12.50 -17.77
N LEU A 395 4.11 11.65 -18.69
CA LEU A 395 5.54 11.37 -18.91
C LEU A 395 5.86 11.80 -20.34
N ARG A 396 6.88 12.63 -20.54
CA ARG A 396 7.18 13.19 -21.89
C ARG A 396 8.56 12.71 -22.36
N THR A 397 8.61 12.15 -23.56
CA THR A 397 9.87 11.70 -24.22
C THR A 397 9.67 11.72 -25.74
N LYS A 398 10.73 12.01 -26.50
CA LYS A 398 10.66 12.08 -27.99
C LYS A 398 11.23 10.81 -28.60
N ASP A 399 11.63 9.84 -27.78
CA ASP A 399 12.13 8.53 -28.24
C ASP A 399 11.16 7.43 -27.82
N SER A 400 10.33 6.93 -28.74
CA SER A 400 9.37 5.84 -28.46
C SER A 400 10.15 4.59 -28.03
N GLN A 401 11.39 4.45 -28.50
CA GLN A 401 12.29 3.33 -28.11
C GLN A 401 12.68 3.44 -26.62
N LEU A 402 13.01 4.64 -26.13
CA LEU A 402 13.34 4.89 -24.70
C LEU A 402 12.11 4.60 -23.83
N LEU A 403 10.93 4.96 -24.33
CA LEU A 403 9.63 4.66 -23.69
C LEU A 403 9.49 3.15 -23.50
N ARG A 404 9.70 2.35 -24.56
CA ARG A 404 9.61 0.87 -24.45
C ARG A 404 10.63 0.37 -23.42
N ARG A 405 11.83 0.96 -23.37
CA ARG A 405 12.89 0.53 -22.42
C ARG A 405 12.50 0.86 -20.98
N LEU A 406 11.92 2.04 -20.75
CA LEU A 406 11.40 2.46 -19.42
C LEU A 406 10.37 1.45 -18.92
N ASP A 407 9.33 1.21 -19.74
CA ASP A 407 8.27 0.23 -19.42
C ASP A 407 8.91 -1.05 -18.89
N ALA A 408 9.79 -1.67 -19.70
CA ALA A 408 10.33 -3.03 -19.45
C ALA A 408 11.17 -3.01 -18.17
N ALA A 409 11.96 -1.95 -17.97
CA ALA A 409 12.94 -1.85 -16.86
C ALA A 409 12.21 -1.69 -15.51
N PHE A 410 11.16 -0.86 -15.45
CA PHE A 410 10.45 -0.51 -14.19
C PHE A 410 9.41 -1.57 -13.84
N ALA A 411 9.04 -2.44 -14.78
CA ALA A 411 8.21 -3.63 -14.52
C ALA A 411 8.81 -4.39 -13.33
N SER A 412 7.93 -4.96 -12.50
CA SER A 412 8.31 -5.82 -11.34
C SER A 412 8.06 -7.27 -11.71
N ASP A 413 9.05 -8.13 -11.46
CA ASP A 413 8.93 -9.58 -11.69
C ASP A 413 7.77 -10.11 -10.84
N VAL A 414 7.83 -9.84 -9.53
CA VAL A 414 6.78 -10.18 -8.52
C VAL A 414 5.71 -9.09 -8.57
N PRO A 415 4.43 -9.44 -8.82
CA PRO A 415 3.38 -8.43 -8.90
C PRO A 415 3.21 -7.67 -7.58
N VAL A 416 3.07 -6.36 -7.67
CA VAL A 416 2.91 -5.43 -6.51
C VAL A 416 1.56 -5.72 -5.85
N GLN A 417 1.55 -5.80 -4.53
CA GLN A 417 0.35 -5.98 -3.68
C GLN A 417 0.28 -4.85 -2.66
N THR A 418 -0.83 -4.77 -1.92
CA THR A 418 -1.04 -3.78 -0.84
C THR A 418 -1.05 -4.53 0.49
N ALA A 419 -0.23 -4.11 1.46
CA ALA A 419 -0.05 -4.82 2.74
C ALA A 419 -1.26 -4.51 3.63
N PHE A 420 -1.33 -3.29 4.18
CA PHE A 420 -2.41 -2.87 5.08
C PHE A 420 -2.51 -1.35 4.98
N GLU A 421 -3.74 -0.88 5.13
CA GLU A 421 -4.11 0.55 5.16
C GLU A 421 -3.59 1.17 6.46
N PHE A 422 -3.16 2.43 6.40
CA PHE A 422 -2.76 3.27 7.56
C PHE A 422 -3.16 4.72 7.26
#